data_2I8T
#
_entry.id   2I8T
#
_cell.length_a   49.636
_cell.length_b   81.586
_cell.length_c   98.300
_cell.angle_alpha   90.000
_cell.angle_beta   90.000
_cell.angle_gamma   90.000
#
_symmetry.space_group_name_H-M   'P 21 21 21'
#
loop_
_entity.id
_entity.type
_entity.pdbx_description
1 polymer 'GDP-mannose mannosyl hydrolase'
2 non-polymer 'CALCIUM ION'
3 non-polymer "GUANOSINE-5'-DIPHOSPHATE-ALPHA-D-MANNOSE"
4 non-polymer GLYCEROL
5 water water
#
_entity_poly.entity_id   1
_entity_poly.type   'polypeptide(L)'
_entity_poly.pdbx_seq_one_letter_code
;MMFLRQEDFATVVRSTPLVSLDFIVENSRGEFLLGKRTNRPAQGYWFVPGGRVQKDETLEAAFERLTMAELGLRLPITAG
QFYGVWQHFYDDNFSGTDFTTHYVVLGFRFRVAEEELLLPDEQHDDYRWLTPDALLASENVHANSRVYFNNDPRAIIGLN
KKEVKNV
;
_entity_poly.pdbx_strand_id   A,B
#
# COMPACT_ATOMS: atom_id res chain seq x y z
N MET A 1 5.27 -14.25 13.08
CA MET A 1 4.50 -14.16 11.80
C MET A 1 4.15 -12.73 11.42
N MET A 2 4.08 -11.85 12.41
CA MET A 2 3.76 -10.44 12.19
C MET A 2 5.03 -9.63 12.34
N PHE A 3 5.62 -9.58 13.53
CA PHE A 3 6.91 -8.92 13.70
C PHE A 3 7.92 -10.01 13.31
N LEU A 4 8.58 -9.79 12.19
CA LEU A 4 9.47 -10.78 11.60
C LEU A 4 10.85 -10.87 12.24
N ARG A 5 11.42 -12.07 12.15
CA ARG A 5 12.82 -12.29 12.50
C ARG A 5 13.63 -11.39 11.57
N GLN A 6 14.77 -10.91 12.06
CA GLN A 6 15.62 -10.03 11.25
C GLN A 6 15.95 -10.63 9.90
N GLU A 7 16.21 -11.93 9.85
CA GLU A 7 16.54 -12.60 8.59
C GLU A 7 15.41 -12.44 7.57
N ASP A 8 14.18 -12.64 8.03
CA ASP A 8 13.02 -12.54 7.15
C ASP A 8 12.73 -11.09 6.78
N PHE A 9 12.90 -10.18 7.73
CA PHE A 9 12.69 -8.76 7.43
C PHE A 9 13.69 -8.30 6.38
N ALA A 10 14.94 -8.75 6.47
CA ALA A 10 15.95 -8.39 5.48
C ALA A 10 15.54 -8.85 4.09
N THR A 11 15.08 -10.09 3.95
CA THR A 11 14.63 -10.57 2.65
C THR A 11 13.46 -9.73 2.13
N VAL A 12 12.52 -9.42 3.01
CA VAL A 12 11.39 -8.57 2.65
C VAL A 12 11.82 -7.20 2.13
N VAL A 13 12.66 -6.50 2.90
CA VAL A 13 13.08 -5.16 2.50
C VAL A 13 13.85 -5.18 1.18
N ARG A 14 14.71 -6.18 1.01
CA ARG A 14 15.44 -6.31 -0.25
C ARG A 14 14.53 -6.55 -1.44
N SER A 15 13.44 -7.27 -1.22
CA SER A 15 12.66 -7.84 -2.31
C SER A 15 11.33 -7.20 -2.70
N THR A 16 10.75 -6.34 -1.87
CA THR A 16 9.40 -5.88 -2.15
C THR A 16 9.11 -4.59 -1.39
N PRO A 17 8.13 -3.79 -1.84
CA PRO A 17 7.79 -2.61 -1.06
C PRO A 17 7.17 -2.92 0.30
N LEU A 18 7.54 -2.09 1.27
CA LEU A 18 6.89 -2.08 2.58
C LEU A 18 5.63 -1.25 2.40
N VAL A 19 4.66 -1.46 3.27
CA VAL A 19 3.45 -0.64 3.33
C VAL A 19 3.49 0.05 4.68
N SER A 20 3.37 1.37 4.70
CA SER A 20 3.39 2.08 5.98
C SER A 20 2.26 3.09 6.10
N LEU A 21 2.06 3.49 7.36
CA LEU A 21 1.15 4.56 7.72
C LEU A 21 2.02 5.69 8.27
N ASP A 22 1.86 6.90 7.72
CA ASP A 22 2.52 8.09 8.26
C ASP A 22 1.46 8.95 8.92
N PHE A 23 1.82 9.51 10.08
CA PHE A 23 0.90 10.31 10.87
C PHE A 23 1.28 11.80 10.87
N ILE A 24 0.37 12.61 10.37
CA ILE A 24 0.49 14.08 10.36
C ILE A 24 -0.29 14.45 11.62
N VAL A 25 0.45 14.72 12.69
CA VAL A 25 -0.11 14.89 14.02
C VAL A 25 -0.08 16.35 14.44
N GLU A 26 -1.26 16.95 14.59
CA GLU A 26 -1.40 18.36 14.95
C GLU A 26 -1.71 18.51 16.44
N ASN A 27 -1.28 19.62 17.03
CA ASN A 27 -1.67 19.95 18.40
C ASN A 27 -2.76 21.02 18.38
N SER A 28 -3.19 21.47 19.56
CA SER A 28 -4.27 22.44 19.63
C SER A 28 -3.90 23.83 19.16
N ARG A 29 -2.61 24.11 18.96
CA ARG A 29 -2.15 25.41 18.47
C ARG A 29 -1.88 25.39 16.96
N GLY A 30 -2.09 24.26 16.29
CA GLY A 30 -1.80 24.17 14.87
C GLY A 30 -0.37 23.81 14.49
N GLU A 31 0.42 23.31 15.44
CA GLU A 31 1.78 22.85 15.17
C GLU A 31 1.75 21.34 14.93
N PHE A 32 2.79 20.79 14.32
CA PHE A 32 2.83 19.37 13.95
C PHE A 32 4.05 18.66 14.54
N LEU A 33 3.86 17.39 14.89
CA LEU A 33 4.88 16.61 15.57
C LEU A 33 5.89 15.95 14.64
N LEU A 34 7.17 16.21 14.90
CA LEU A 34 8.27 15.56 14.20
C LEU A 34 9.20 14.94 15.25
N GLY A 35 9.75 13.78 14.93
CA GLY A 35 10.73 13.10 15.77
C GLY A 35 12.05 12.99 15.02
N LYS A 36 13.17 13.07 15.75
CA LYS A 36 14.48 12.95 15.14
C LYS A 36 14.84 11.47 15.14
N ARG A 37 14.86 10.87 13.95
CA ARG A 37 15.05 9.42 13.83
C ARG A 37 16.41 8.89 14.26
N THR A 38 16.39 7.82 15.04
CA THR A 38 17.62 7.14 15.46
C THR A 38 17.92 5.91 14.61
N ASN A 39 16.98 5.45 13.81
CA ASN A 39 17.17 4.27 12.95
C ASN A 39 17.22 4.65 11.47
N ARG A 40 17.86 3.79 10.68
CA ARG A 40 17.84 3.91 9.23
C ARG A 40 16.51 3.31 8.77
N PRO A 41 16.00 3.73 7.61
CA PRO A 41 16.50 4.77 6.72
C PRO A 41 16.08 6.14 7.25
N ALA A 42 16.53 7.21 6.59
CA ALA A 42 16.29 8.58 7.04
C ALA A 42 16.84 8.81 8.45
N GLN A 43 17.93 8.13 8.80
CA GLN A 43 18.53 8.25 10.11
C GLN A 43 19.05 9.67 10.32
N GLY A 44 18.76 10.24 11.49
CA GLY A 44 19.23 11.59 11.80
C GLY A 44 18.36 12.74 11.29
N TYR A 45 17.33 12.41 10.52
CA TYR A 45 16.40 13.41 10.01
C TYR A 45 15.19 13.54 10.92
N TRP A 46 14.60 14.73 10.94
CA TRP A 46 13.31 14.94 11.58
C TRP A 46 12.27 14.38 10.62
N PHE A 47 11.32 13.63 11.15
CA PHE A 47 10.36 12.93 10.30
C PHE A 47 9.06 12.78 11.08
N VAL A 48 7.95 12.69 10.36
CA VAL A 48 6.67 12.43 11.02
C VAL A 48 6.70 11.03 11.61
N PRO A 49 5.91 10.79 12.66
CA PRO A 49 5.81 9.43 13.18
C PRO A 49 5.09 8.52 12.18
N GLY A 50 5.42 7.23 12.19
CA GLY A 50 4.76 6.30 11.28
C GLY A 50 5.46 4.96 11.35
N GLY A 51 4.89 3.96 10.70
CA GLY A 51 5.52 2.64 10.68
C GLY A 51 4.83 1.69 9.72
N ARG A 52 5.40 0.50 9.56
CA ARG A 52 4.90 -0.42 8.56
C ARG A 52 3.79 -1.36 9.06
N VAL A 53 2.97 -1.78 8.10
CA VAL A 53 1.87 -2.71 8.31
C VAL A 53 2.42 -4.13 8.17
N GLN A 54 2.02 -5.02 9.08
CA GLN A 54 2.53 -6.39 9.11
C GLN A 54 1.64 -7.38 8.36
N LYS A 55 2.20 -8.56 8.11
CA LYS A 55 1.47 -9.62 7.42
C LYS A 55 0.19 -10.00 8.14
N ASP A 56 -0.88 -10.06 7.36
CA ASP A 56 -2.23 -10.41 7.81
C ASP A 56 -2.81 -9.43 8.84
N GLU A 57 -2.25 -8.23 8.90
CA GLU A 57 -2.73 -7.20 9.81
C GLU A 57 -3.64 -6.24 9.02
N THR A 58 -4.85 -5.99 9.51
CA THR A 58 -5.72 -5.04 8.85
C THR A 58 -5.18 -3.63 9.07
N LEU A 59 -5.53 -2.72 8.17
CA LEU A 59 -5.11 -1.33 8.31
C LEU A 59 -5.70 -0.72 9.58
N GLU A 60 -6.90 -1.15 9.94
CA GLU A 60 -7.57 -0.71 11.15
C GLU A 60 -6.75 -1.09 12.37
N ALA A 61 -6.29 -2.34 12.41
CA ALA A 61 -5.48 -2.82 13.52
C ALA A 61 -4.09 -2.18 13.53
N ALA A 62 -3.52 -2.01 12.35
CA ALA A 62 -2.19 -1.39 12.23
C ALA A 62 -2.22 0.05 12.76
N PHE A 63 -3.29 0.78 12.46
CA PHE A 63 -3.42 2.16 12.90
C PHE A 63 -3.40 2.24 14.43
N GLU A 64 -4.09 1.32 15.09
CA GLU A 64 -4.12 1.28 16.55
C GLU A 64 -2.76 0.88 17.13
N ARG A 65 -2.14 -0.14 16.55
CA ARG A 65 -0.84 -0.57 17.03
C ARG A 65 0.22 0.52 16.87
N LEU A 66 0.20 1.17 15.71
CA LEU A 66 1.19 2.17 15.36
C LEU A 66 1.00 3.49 16.09
N THR A 67 -0.23 3.96 16.29
CA THR A 67 -0.40 5.17 17.09
C THR A 67 0.09 4.88 18.51
N MET A 68 -0.24 3.72 19.07
CA MET A 68 0.24 3.38 20.40
C MET A 68 1.76 3.32 20.44
N ALA A 69 2.37 2.65 19.46
CA ALA A 69 3.82 2.50 19.43
C ALA A 69 4.58 3.79 19.18
N GLU A 70 4.03 4.65 18.33
CA GLU A 70 4.69 5.90 17.95
C GLU A 70 4.43 7.08 18.86
N LEU A 71 3.22 7.15 19.41
CA LEU A 71 2.77 8.29 20.20
C LEU A 71 2.50 7.98 21.66
N GLY A 72 2.43 6.70 22.02
CA GLY A 72 2.04 6.30 23.37
C GLY A 72 0.56 6.48 23.62
N LEU A 73 -0.22 6.65 22.55
CA LEU A 73 -1.65 6.88 22.61
C LEU A 73 -2.31 6.09 21.49
N ARG A 74 -3.16 5.13 21.85
CA ARG A 74 -3.88 4.33 20.87
C ARG A 74 -5.09 5.11 20.35
N LEU A 75 -5.17 5.28 19.04
CA LEU A 75 -6.30 5.95 18.40
C LEU A 75 -6.87 5.01 17.33
N PRO A 76 -8.19 5.07 17.10
CA PRO A 76 -8.79 4.28 16.04
C PRO A 76 -8.62 4.96 14.69
N ILE A 77 -8.63 4.18 13.61
CA ILE A 77 -8.47 4.73 12.27
C ILE A 77 -9.54 5.76 11.92
N THR A 78 -10.71 5.65 12.55
CA THR A 78 -11.79 6.62 12.37
C THR A 78 -11.40 8.04 12.79
N ALA A 79 -10.38 8.17 13.63
CA ALA A 79 -9.88 9.47 14.05
C ALA A 79 -9.05 10.16 12.97
N GLY A 80 -8.55 9.40 12.00
CA GLY A 80 -7.66 9.95 10.99
C GLY A 80 -8.33 10.42 9.71
N GLN A 81 -7.79 11.50 9.16
CA GLN A 81 -8.20 12.01 7.86
C GLN A 81 -7.23 11.42 6.85
N PHE A 82 -7.72 10.63 5.89
CA PHE A 82 -6.84 10.09 4.87
C PHE A 82 -6.13 11.24 4.17
N TYR A 83 -4.82 11.11 4.01
CA TYR A 83 -3.98 12.21 3.55
C TYR A 83 -3.15 11.82 2.32
N GLY A 84 -3.65 10.87 1.54
CA GLY A 84 -3.04 10.47 0.28
C GLY A 84 -2.11 9.28 0.34
N VAL A 85 -1.76 8.81 -0.85
CA VAL A 85 -0.80 7.71 -1.02
C VAL A 85 0.50 8.33 -1.52
N TRP A 86 1.59 7.98 -0.85
CA TRP A 86 2.91 8.52 -1.15
C TRP A 86 3.88 7.36 -1.33
N GLN A 87 5.09 7.67 -1.81
CA GLN A 87 6.11 6.64 -2.02
C GLN A 87 7.44 7.19 -1.54
N HIS A 88 8.11 6.41 -0.70
CA HIS A 88 9.39 6.81 -0.13
C HIS A 88 10.44 5.79 -0.54
N PHE A 89 11.51 6.29 -1.16
CA PHE A 89 12.62 5.46 -1.62
C PHE A 89 13.90 5.92 -0.93
N TYR A 90 14.58 4.98 -0.27
CA TYR A 90 15.83 5.26 0.43
C TYR A 90 16.93 4.35 -0.08
N ASP A 91 18.16 4.87 -0.17
CA ASP A 91 19.28 4.09 -0.66
C ASP A 91 19.85 3.09 0.36
N ASP A 92 19.42 3.20 1.61
CA ASP A 92 19.90 2.32 2.66
C ASP A 92 18.71 1.60 3.31
N ASN A 93 18.98 0.86 4.38
CA ASN A 93 17.94 0.08 5.06
C ASN A 93 18.27 -0.06 6.54
N PHE A 94 17.34 -0.63 7.29
CA PHE A 94 17.47 -0.81 8.73
C PHE A 94 18.79 -1.41 9.20
N SER A 95 19.34 -2.33 8.43
CA SER A 95 20.57 -3.05 8.77
C SER A 95 21.86 -2.43 8.23
N GLY A 96 21.77 -1.46 7.34
CA GLY A 96 22.98 -0.86 6.77
C GLY A 96 22.80 -0.29 5.37
N THR A 97 23.85 -0.34 4.56
CA THR A 97 23.86 0.26 3.23
C THR A 97 23.92 -0.74 2.08
N ASP A 98 23.62 -2.01 2.35
CA ASP A 98 23.73 -3.07 1.35
C ASP A 98 22.58 -3.18 0.35
N PHE A 99 21.45 -2.55 0.65
CA PHE A 99 20.29 -2.56 -0.22
C PHE A 99 19.35 -1.41 0.15
N THR A 100 18.44 -1.11 -0.76
CA THR A 100 17.51 0.00 -0.61
C THR A 100 16.24 -0.39 0.13
N THR A 101 15.50 0.63 0.55
CA THR A 101 14.19 0.44 1.19
C THR A 101 13.16 1.22 0.37
N HIS A 102 11.98 0.61 0.21
CA HIS A 102 10.89 1.20 -0.56
C HIS A 102 9.63 1.07 0.27
N TYR A 103 8.96 2.20 0.52
CA TYR A 103 7.67 2.20 1.19
C TYR A 103 6.60 2.77 0.27
N VAL A 104 5.43 2.13 0.30
CA VAL A 104 4.20 2.70 -0.25
C VAL A 104 3.48 3.15 1.02
N VAL A 105 3.13 4.43 1.09
CA VAL A 105 2.73 5.08 2.33
C VAL A 105 1.31 5.63 2.30
N LEU A 106 0.54 5.34 3.34
CA LEU A 106 -0.80 5.89 3.51
C LEU A 106 -0.70 6.96 4.58
N GLY A 107 -0.94 8.21 4.22
CA GLY A 107 -0.91 9.29 5.19
C GLY A 107 -2.22 9.45 5.91
N PHE A 108 -2.17 9.80 7.19
CA PHE A 108 -3.35 10.10 7.99
C PHE A 108 -3.07 11.30 8.87
N ARG A 109 -3.98 12.27 8.88
CA ARG A 109 -3.84 13.47 9.71
C ARG A 109 -4.87 13.48 10.83
N PHE A 110 -4.43 13.89 12.02
CA PHE A 110 -5.33 14.02 13.16
C PHE A 110 -4.70 14.92 14.20
N ARG A 111 -5.56 15.52 15.01
CA ARG A 111 -5.15 16.42 16.09
C ARG A 111 -5.20 15.67 17.42
N VAL A 112 -4.21 15.94 18.27
CA VAL A 112 -4.16 15.38 19.61
C VAL A 112 -3.94 16.51 20.62
N ALA A 113 -4.10 16.15 21.90
CA ALA A 113 -3.73 17.03 23.00
C ALA A 113 -2.33 16.55 23.38
N GLU A 114 -1.33 17.41 23.22
CA GLU A 114 0.05 17.10 23.53
C GLU A 114 0.24 16.46 24.90
N GLU A 115 -0.50 16.97 25.90
CA GLU A 115 -0.40 16.46 27.26
C GLU A 115 -0.77 14.99 27.41
N GLU A 116 -1.53 14.45 26.46
CA GLU A 116 -2.02 13.08 26.51
C GLU A 116 -1.11 12.05 25.84
N LEU A 117 -0.06 12.51 25.16
CA LEU A 117 0.87 11.58 24.54
C LEU A 117 1.89 11.09 25.57
N LEU A 118 2.47 9.94 25.30
CA LEU A 118 3.55 9.40 26.13
C LEU A 118 4.60 9.01 25.08
N LEU A 119 5.34 10.01 24.62
CA LEU A 119 6.28 9.82 23.52
C LEU A 119 7.42 8.88 23.89
N PRO A 120 7.60 7.81 23.12
CA PRO A 120 8.64 6.82 23.41
C PRO A 120 10.02 7.26 22.93
N ASP A 121 11.07 6.58 23.41
CA ASP A 121 12.42 6.96 23.05
C ASP A 121 13.19 5.93 22.22
N GLU A 122 12.53 4.84 21.81
CA GLU A 122 13.23 3.78 21.10
C GLU A 122 13.66 4.17 19.68
N GLN A 123 12.81 4.90 18.95
CA GLN A 123 13.06 5.24 17.56
C GLN A 123 13.43 6.70 17.30
N HIS A 124 13.25 7.56 18.30
CA HIS A 124 13.55 8.97 18.15
C HIS A 124 14.27 9.48 19.40
N ASP A 125 15.27 10.32 19.21
CA ASP A 125 16.00 10.87 20.35
C ASP A 125 15.54 12.28 20.74
N ASP A 126 14.56 12.83 20.04
CA ASP A 126 14.01 14.14 20.36
C ASP A 126 12.70 14.30 19.58
N TYR A 127 11.83 15.17 20.07
CA TYR A 127 10.56 15.48 19.41
C TYR A 127 10.31 16.97 19.49
N ARG A 128 9.74 17.53 18.41
CA ARG A 128 9.37 18.93 18.36
C ARG A 128 8.02 19.12 17.70
N TRP A 129 7.34 20.19 18.08
CA TRP A 129 6.07 20.60 17.49
C TRP A 129 6.40 21.85 16.68
N LEU A 130 6.31 21.74 15.37
CA LEU A 130 6.72 22.81 14.46
C LEU A 130 5.58 23.34 13.62
N THR A 131 5.66 24.61 13.24
CA THR A 131 4.68 25.16 12.32
C THR A 131 5.03 24.67 10.93
N PRO A 132 4.04 24.60 10.02
CA PRO A 132 4.34 24.24 8.64
C PRO A 132 5.44 25.11 8.02
N ASP A 133 5.39 26.42 8.22
CA ASP A 133 6.41 27.31 7.68
C ASP A 133 7.80 26.97 8.19
N ALA A 134 7.89 26.65 9.48
CA ALA A 134 9.16 26.29 10.09
C ALA A 134 9.74 24.98 9.55
N LEU A 135 8.92 23.94 9.49
CA LEU A 135 9.42 22.65 9.05
C LEU A 135 9.78 22.65 7.56
N LEU A 136 9.06 23.45 6.77
CA LEU A 136 9.34 23.58 5.34
C LEU A 136 10.66 24.30 5.05
N ALA A 137 11.14 25.10 5.99
CA ALA A 137 12.38 25.86 5.83
C ALA A 137 13.65 25.10 6.23
N SER A 138 13.52 23.94 6.85
CA SER A 138 14.67 23.18 7.36
C SER A 138 15.03 21.95 6.55
N GLU A 139 16.27 21.88 6.07
CA GLU A 139 16.73 20.71 5.33
C GLU A 139 16.98 19.54 6.28
N ASN A 140 16.92 19.76 7.59
CA ASN A 140 17.03 18.66 8.54
C ASN A 140 15.72 17.90 8.71
N VAL A 141 14.64 18.45 8.16
CA VAL A 141 13.36 17.74 8.10
C VAL A 141 13.39 17.05 6.74
N HIS A 142 13.21 15.73 6.71
CA HIS A 142 13.34 15.01 5.45
C HIS A 142 12.31 15.45 4.41
N ALA A 143 12.71 15.50 3.15
CA ALA A 143 11.81 15.87 2.06
C ALA A 143 10.50 15.08 2.06
N ASN A 144 10.56 13.80 2.44
CA ASN A 144 9.37 12.96 2.47
C ASN A 144 8.36 13.37 3.53
N SER A 145 8.80 14.10 4.55
CA SER A 145 7.89 14.68 5.53
C SER A 145 7.50 16.10 5.15
N ARG A 146 8.43 16.88 4.59
CA ARG A 146 8.12 18.24 4.19
C ARG A 146 6.95 18.32 3.20
N VAL A 147 6.88 17.37 2.27
CA VAL A 147 5.84 17.38 1.25
C VAL A 147 4.41 17.31 1.78
N TYR A 148 4.22 16.78 2.98
CA TYR A 148 2.89 16.75 3.58
C TYR A 148 2.35 18.14 3.92
N PHE A 149 3.23 19.13 3.96
CA PHE A 149 2.88 20.49 4.35
C PHE A 149 3.08 21.50 3.22
N MET B 2 11.50 -5.69 -10.43
CA MET B 2 12.16 -6.81 -9.73
C MET B 2 11.20 -8.00 -9.62
N PHE B 3 11.23 -8.85 -10.65
CA PHE B 3 10.41 -10.07 -10.67
C PHE B 3 11.24 -11.13 -9.96
N LEU B 4 10.79 -11.46 -8.75
CA LEU B 4 11.55 -12.31 -7.84
C LEU B 4 11.56 -13.78 -8.22
N ARG B 5 12.69 -14.44 -7.93
CA ARG B 5 12.74 -15.89 -8.09
C ARG B 5 11.72 -16.49 -7.13
N GLN B 6 11.30 -17.71 -7.43
CA GLN B 6 10.21 -18.35 -6.69
C GLN B 6 10.45 -18.43 -5.19
N GLU B 7 11.67 -18.77 -4.76
CA GLU B 7 11.96 -18.88 -3.34
C GLU B 7 11.71 -17.58 -2.60
N ASP B 8 12.19 -16.48 -3.17
CA ASP B 8 12.03 -15.19 -2.52
C ASP B 8 10.62 -14.65 -2.60
N PHE B 9 9.90 -14.95 -3.68
CA PHE B 9 8.50 -14.54 -3.74
C PHE B 9 7.73 -15.30 -2.65
N ALA B 10 8.03 -16.59 -2.47
CA ALA B 10 7.38 -17.36 -1.41
C ALA B 10 7.65 -16.74 -0.04
N THR B 11 8.90 -16.42 0.25
CA THR B 11 9.25 -15.82 1.54
C THR B 11 8.55 -14.47 1.71
N VAL B 12 8.52 -13.67 0.65
CA VAL B 12 7.82 -12.39 0.69
C VAL B 12 6.33 -12.56 1.00
N VAL B 13 5.65 -13.43 0.26
CA VAL B 13 4.22 -13.63 0.47
C VAL B 13 3.94 -14.15 1.87
N ARG B 14 4.77 -15.07 2.35
CA ARG B 14 4.62 -15.58 3.72
C ARG B 14 4.78 -14.51 4.80
N SER B 15 5.61 -13.52 4.50
CA SER B 15 6.09 -12.59 5.52
C SER B 15 5.55 -11.17 5.54
N THR B 16 4.89 -10.69 4.49
CA THR B 16 4.54 -9.28 4.45
C THR B 16 3.41 -9.01 3.44
N PRO B 17 2.67 -7.90 3.59
CA PRO B 17 1.70 -7.61 2.55
C PRO B 17 2.30 -7.25 1.20
N LEU B 18 1.63 -7.72 0.15
CA LEU B 18 1.90 -7.29 -1.21
C LEU B 18 1.17 -5.96 -1.37
N VAL B 19 1.61 -5.17 -2.34
CA VAL B 19 0.94 -3.93 -2.69
C VAL B 19 0.50 -4.11 -4.13
N SER B 20 -0.77 -3.85 -4.43
CA SER B 20 -1.26 -4.03 -5.78
C SER B 20 -2.13 -2.87 -6.25
N LEU B 21 -2.30 -2.83 -7.57
CA LEU B 21 -3.21 -1.89 -8.23
C LEU B 21 -4.32 -2.75 -8.83
N ASP B 22 -5.58 -2.41 -8.56
CA ASP B 22 -6.72 -3.07 -9.17
C ASP B 22 -7.41 -2.06 -10.08
N PHE B 23 -7.87 -2.54 -11.23
CA PHE B 23 -8.45 -1.69 -12.26
C PHE B 23 -9.94 -1.97 -12.42
N ILE B 24 -10.74 -0.92 -12.23
CA ILE B 24 -12.18 -0.95 -12.42
C ILE B 24 -12.34 -0.33 -13.80
N VAL B 25 -12.49 -1.19 -14.81
CA VAL B 25 -12.43 -0.78 -16.20
C VAL B 25 -13.82 -0.80 -16.83
N GLU B 26 -14.29 0.35 -17.30
CA GLU B 26 -15.63 0.49 -17.87
C GLU B 26 -15.58 0.55 -19.40
N ASN B 27 -16.60 -0.01 -20.05
CA ASN B 27 -16.71 0.04 -21.51
C ASN B 27 -17.70 1.15 -21.89
N SER B 28 -18.21 1.13 -23.11
CA SER B 28 -19.17 2.13 -23.57
C SER B 28 -20.61 1.85 -23.15
N ARG B 29 -20.85 0.73 -22.48
CA ARG B 29 -22.18 0.28 -22.10
C ARG B 29 -22.44 0.25 -20.59
N GLY B 30 -21.60 0.92 -19.79
CA GLY B 30 -21.78 0.90 -18.35
C GLY B 30 -21.48 -0.45 -17.72
N GLU B 31 -20.62 -1.23 -18.38
CA GLU B 31 -20.25 -2.55 -17.90
C GLU B 31 -18.76 -2.53 -17.55
N PHE B 32 -18.35 -3.49 -16.72
CA PHE B 32 -17.01 -3.52 -16.17
C PHE B 32 -16.31 -4.84 -16.46
N LEU B 33 -15.00 -4.73 -16.70
CA LEU B 33 -14.22 -5.89 -17.12
C LEU B 33 -13.81 -6.80 -15.97
N LEU B 34 -14.16 -8.08 -16.11
CA LEU B 34 -13.70 -9.10 -15.18
C LEU B 34 -13.14 -10.27 -16.00
N GLY B 35 -12.07 -10.87 -15.47
CA GLY B 35 -11.46 -12.05 -16.07
C GLY B 35 -11.57 -13.22 -15.12
N LYS B 36 -11.70 -14.43 -15.66
CA LYS B 36 -11.77 -15.61 -14.81
C LYS B 36 -10.33 -16.08 -14.58
N ARG B 37 -9.89 -15.95 -13.33
CA ARG B 37 -8.49 -16.18 -12.96
C ARG B 37 -8.01 -17.62 -13.07
N THR B 38 -6.83 -17.81 -13.64
CA THR B 38 -6.23 -19.14 -13.70
C THR B 38 -5.15 -19.36 -12.64
N ASN B 39 -4.76 -18.32 -11.92
CA ASN B 39 -3.78 -18.44 -10.86
C ASN B 39 -4.38 -18.19 -9.48
N ARG B 40 -3.80 -18.81 -8.47
CA ARG B 40 -4.13 -18.52 -7.07
C ARG B 40 -3.43 -17.22 -6.69
N PRO B 41 -3.97 -16.48 -5.70
CA PRO B 41 -5.21 -16.74 -4.98
C PRO B 41 -6.41 -16.30 -5.82
N ALA B 42 -7.61 -16.58 -5.33
CA ALA B 42 -8.85 -16.31 -6.05
C ALA B 42 -8.91 -17.02 -7.40
N GLN B 43 -8.29 -18.20 -7.45
CA GLN B 43 -8.26 -18.99 -8.67
C GLN B 43 -9.67 -19.48 -9.00
N GLY B 44 -10.04 -19.39 -10.27
CA GLY B 44 -11.35 -19.86 -10.72
C GLY B 44 -12.48 -18.88 -10.50
N TYR B 45 -12.19 -17.72 -9.92
CA TYR B 45 -13.18 -16.68 -9.72
C TYR B 45 -13.05 -15.61 -10.79
N TRP B 46 -14.16 -14.96 -11.11
CA TRP B 46 -14.13 -13.74 -11.90
C TRP B 46 -13.58 -12.65 -10.99
N PHE B 47 -12.65 -11.85 -11.51
CA PHE B 47 -11.99 -10.83 -10.71
C PHE B 47 -11.59 -9.68 -11.62
N VAL B 48 -11.51 -8.47 -11.08
CA VAL B 48 -11.04 -7.34 -11.86
C VAL B 48 -9.57 -7.54 -12.22
N PRO B 49 -9.09 -6.95 -13.31
CA PRO B 49 -7.66 -7.04 -13.60
C PRO B 49 -6.85 -6.22 -12.61
N GLY B 50 -5.63 -6.66 -12.32
CA GLY B 50 -4.77 -5.94 -11.39
C GLY B 50 -3.53 -6.75 -11.11
N GLY B 51 -2.56 -6.15 -10.42
CA GLY B 51 -1.33 -6.86 -10.11
C GLY B 51 -0.47 -6.12 -9.11
N ARG B 52 0.58 -6.79 -8.64
CA ARG B 52 1.40 -6.19 -7.59
C ARG B 52 2.50 -5.27 -8.09
N VAL B 53 2.84 -4.33 -7.23
CA VAL B 53 3.93 -3.37 -7.45
C VAL B 53 5.23 -3.99 -6.98
N GLN B 54 6.27 -3.87 -7.80
CA GLN B 54 7.57 -4.47 -7.49
C GLN B 54 8.50 -3.54 -6.71
N LYS B 55 9.55 -4.14 -6.14
CA LYS B 55 10.55 -3.38 -5.40
C LYS B 55 11.18 -2.28 -6.24
N ASP B 56 11.25 -1.09 -5.67
CA ASP B 56 11.80 0.12 -6.29
C ASP B 56 11.08 0.60 -7.55
N GLU B 57 9.86 0.13 -7.74
CA GLU B 57 9.03 0.54 -8.87
C GLU B 57 8.08 1.63 -8.40
N THR B 58 8.03 2.74 -9.14
CA THR B 58 7.10 3.81 -8.81
C THR B 58 5.68 3.37 -9.15
N LEU B 59 4.69 3.98 -8.49
CA LEU B 59 3.31 3.66 -8.80
C LEU B 59 2.99 4.04 -10.24
N GLU B 60 3.60 5.13 -10.71
CA GLU B 60 3.44 5.60 -12.08
C GLU B 60 3.92 4.55 -13.07
N ALA B 61 5.11 4.00 -12.84
CA ALA B 61 5.65 2.94 -13.69
C ALA B 61 4.85 1.65 -13.58
N ALA B 62 4.43 1.30 -12.37
CA ALA B 62 3.63 0.09 -12.17
C ALA B 62 2.31 0.17 -12.92
N PHE B 63 1.68 1.34 -12.94
CA PHE B 63 0.40 1.51 -13.62
C PHE B 63 0.57 1.24 -15.11
N GLU B 64 1.64 1.74 -15.71
CA GLU B 64 1.90 1.49 -17.13
C GLU B 64 2.22 0.02 -17.41
N ARG B 65 3.09 -0.57 -16.59
CA ARG B 65 3.43 -1.98 -16.77
C ARG B 65 2.21 -2.88 -16.61
N LEU B 66 1.41 -2.61 -15.59
CA LEU B 66 0.25 -3.43 -15.28
C LEU B 66 -0.91 -3.26 -16.24
N THR B 67 -1.19 -2.05 -16.71
CA THR B 67 -2.24 -1.90 -17.71
C THR B 67 -1.82 -2.66 -18.98
N MET B 68 -0.56 -2.57 -19.36
CA MET B 68 -0.08 -3.30 -20.54
C MET B 68 -0.20 -4.81 -20.32
N ALA B 69 0.27 -5.30 -19.18
CA ALA B 69 0.25 -6.73 -18.89
C ALA B 69 -1.15 -7.30 -18.73
N GLU B 70 -2.06 -6.52 -18.13
CA GLU B 70 -3.40 -7.01 -17.84
C GLU B 70 -4.41 -6.78 -18.96
N LEU B 71 -4.27 -5.66 -19.67
CA LEU B 71 -5.24 -5.26 -20.68
C LEU B 71 -4.70 -5.27 -22.11
N GLY B 72 -3.38 -5.42 -22.28
CA GLY B 72 -2.77 -5.33 -23.59
C GLY B 72 -2.66 -3.91 -24.11
N LEU B 73 -2.94 -2.92 -23.26
CA LEU B 73 -2.92 -1.51 -23.63
C LEU B 73 -2.24 -0.72 -22.51
N ARG B 74 -1.16 -0.03 -22.84
CA ARG B 74 -0.45 0.78 -21.86
C ARG B 74 -1.18 2.10 -21.67
N LEU B 75 -1.51 2.42 -20.42
CA LEU B 75 -2.16 3.67 -20.05
C LEU B 75 -1.33 4.34 -18.96
N PRO B 76 -1.27 5.68 -18.97
CA PRO B 76 -0.55 6.40 -17.91
C PRO B 76 -1.44 6.50 -16.68
N ILE B 77 -0.85 6.67 -15.50
CA ILE B 77 -1.61 6.75 -14.25
C ILE B 77 -2.61 7.91 -14.26
N THR B 78 -2.34 8.94 -15.04
CA THR B 78 -3.24 10.08 -15.18
C THR B 78 -4.58 9.71 -15.81
N ALA B 79 -4.65 8.56 -16.49
CA ALA B 79 -5.90 8.05 -17.04
C ALA B 79 -6.82 7.48 -15.96
N GLY B 80 -6.25 7.09 -14.82
CA GLY B 80 -7.03 6.48 -13.76
C GLY B 80 -7.54 7.45 -12.71
N GLN B 81 -8.75 7.18 -12.21
CA GLN B 81 -9.34 7.93 -11.10
C GLN B 81 -9.10 7.07 -9.87
N PHE B 82 -8.36 7.58 -8.90
CA PHE B 82 -8.10 6.85 -7.67
C PHE B 82 -9.43 6.46 -7.02
N TYR B 83 -9.55 5.19 -6.64
CA TYR B 83 -10.81 4.67 -6.11
C TYR B 83 -10.60 3.89 -4.82
N GLY B 84 -9.87 4.49 -3.88
CA GLY B 84 -9.72 3.93 -2.54
C GLY B 84 -8.62 2.93 -2.29
N VAL B 85 -8.40 2.67 -1.00
CA VAL B 85 -7.43 1.68 -0.53
C VAL B 85 -8.25 0.53 0.04
N TRP B 86 -7.93 -0.68 -0.41
CA TRP B 86 -8.66 -1.89 -0.03
C TRP B 86 -7.66 -2.91 0.50
N GLN B 87 -8.17 -3.99 1.08
CA GLN B 87 -7.32 -5.02 1.68
C GLN B 87 -7.91 -6.36 1.30
N HIS B 88 -7.07 -7.24 0.73
CA HIS B 88 -7.50 -8.56 0.30
C HIS B 88 -6.70 -9.62 1.04
N PHE B 89 -7.40 -10.52 1.72
CA PHE B 89 -6.78 -11.60 2.48
C PHE B 89 -7.24 -12.95 1.93
N TYR B 90 -6.30 -13.81 1.57
CA TYR B 90 -6.61 -15.13 1.02
C TYR B 90 -5.91 -16.20 1.83
N ASP B 91 -6.54 -17.36 1.93
CA ASP B 91 -5.97 -18.47 2.70
C ASP B 91 -4.93 -19.29 1.95
N ASP B 92 -4.75 -19.02 0.65
CA ASP B 92 -3.79 -19.73 -0.17
C ASP B 92 -2.81 -18.75 -0.80
N ASN B 93 -1.95 -19.24 -1.67
CA ASN B 93 -0.93 -18.43 -2.32
C ASN B 93 -0.65 -18.92 -3.74
N PHE B 94 0.14 -18.13 -4.45
CA PHE B 94 0.49 -18.36 -5.85
C PHE B 94 0.96 -19.76 -6.20
N SER B 95 1.56 -20.47 -5.25
CA SER B 95 2.12 -21.78 -5.52
C SER B 95 1.67 -22.89 -4.57
N GLY B 96 0.59 -22.66 -3.83
CA GLY B 96 0.09 -23.69 -2.92
C GLY B 96 -0.98 -23.23 -1.97
N THR B 97 -1.27 -24.07 -0.98
CA THR B 97 -2.31 -23.81 0.01
C THR B 97 -1.72 -23.81 1.43
N ASP B 98 -0.40 -23.65 1.50
CA ASP B 98 0.35 -23.79 2.75
C ASP B 98 0.62 -22.51 3.53
N PHE B 99 0.28 -21.35 2.97
CA PHE B 99 0.37 -20.08 3.68
C PHE B 99 -0.53 -19.08 2.98
N THR B 100 -0.88 -18.02 3.70
CA THR B 100 -1.82 -17.00 3.23
C THR B 100 -1.16 -15.93 2.38
N THR B 101 -2.01 -15.19 1.67
CA THR B 101 -1.58 -14.03 0.88
C THR B 101 -2.36 -12.82 1.37
N HIS B 102 -1.68 -11.69 1.48
CA HIS B 102 -2.26 -10.42 1.94
C HIS B 102 -1.87 -9.34 0.94
N TYR B 103 -2.86 -8.61 0.43
CA TYR B 103 -2.61 -7.46 -0.44
C TYR B 103 -3.22 -6.20 0.18
N VAL B 104 -2.48 -5.11 0.08
CA VAL B 104 -3.00 -3.76 0.30
C VAL B 104 -3.15 -3.23 -1.12
N VAL B 105 -4.35 -2.78 -1.47
CA VAL B 105 -4.73 -2.54 -2.85
C VAL B 105 -5.13 -1.09 -3.12
N LEU B 106 -4.61 -0.54 -4.20
CA LEU B 106 -4.97 0.80 -4.64
C LEU B 106 -5.88 0.62 -5.85
N GLY B 107 -7.13 1.06 -5.73
CA GLY B 107 -8.08 0.94 -6.83
C GLY B 107 -8.02 2.13 -7.77
N PHE B 108 -8.23 1.88 -9.06
CA PHE B 108 -8.28 2.93 -10.07
C PHE B 108 -9.41 2.62 -11.05
N ARG B 109 -10.24 3.62 -11.33
CA ARG B 109 -11.34 3.49 -12.27
C ARG B 109 -11.06 4.28 -13.55
N PHE B 110 -11.36 3.68 -14.69
CA PHE B 110 -11.21 4.36 -15.98
C PHE B 110 -12.05 3.67 -17.04
N ARG B 111 -12.40 4.43 -18.08
CA ARG B 111 -13.19 3.93 -19.19
C ARG B 111 -12.30 3.75 -20.41
N VAL B 112 -12.50 2.67 -21.14
CA VAL B 112 -11.74 2.36 -22.35
C VAL B 112 -12.66 1.96 -23.48
N ALA B 113 -12.10 1.93 -24.69
CA ALA B 113 -12.78 1.41 -25.87
C ALA B 113 -12.35 -0.05 -25.96
N GLU B 114 -13.31 -0.97 -26.02
CA GLU B 114 -13.00 -2.40 -26.11
C GLU B 114 -12.03 -2.77 -27.23
N GLU B 115 -12.20 -2.13 -28.38
CA GLU B 115 -11.40 -2.42 -29.56
C GLU B 115 -9.95 -1.96 -29.46
N GLU B 116 -9.61 -1.25 -28.40
CA GLU B 116 -8.25 -0.80 -28.16
C GLU B 116 -7.51 -1.68 -27.16
N LEU B 117 -8.20 -2.66 -26.58
CA LEU B 117 -7.56 -3.61 -25.67
C LEU B 117 -7.13 -4.84 -26.47
N LEU B 118 -6.15 -5.56 -25.92
CA LEU B 118 -5.69 -6.83 -26.48
C LEU B 118 -5.59 -7.75 -25.27
N LEU B 119 -6.74 -8.27 -24.87
CA LEU B 119 -6.83 -9.05 -23.63
C LEU B 119 -5.99 -10.31 -23.69
N PRO B 120 -4.99 -10.44 -22.79
CA PRO B 120 -4.09 -11.59 -22.79
C PRO B 120 -4.68 -12.83 -22.15
N ASP B 121 -4.09 -14.00 -22.43
CA ASP B 121 -4.61 -15.25 -21.88
C ASP B 121 -3.74 -15.89 -20.80
N GLU B 122 -2.68 -15.21 -20.35
CA GLU B 122 -1.81 -15.80 -19.35
C GLU B 122 -2.43 -15.98 -17.97
N GLN B 123 -3.19 -14.98 -17.52
CA GLN B 123 -3.76 -15.01 -16.18
C GLN B 123 -5.27 -15.22 -16.09
N HIS B 124 -5.95 -15.21 -17.24
CA HIS B 124 -7.39 -15.40 -17.28
C HIS B 124 -7.76 -16.26 -18.48
N ASP B 125 -8.71 -17.17 -18.29
CA ASP B 125 -9.17 -18.05 -19.37
C ASP B 125 -10.46 -17.59 -20.05
N ASP B 126 -11.02 -16.46 -19.60
CA ASP B 126 -12.20 -15.86 -20.21
C ASP B 126 -12.31 -14.44 -19.66
N TYR B 127 -12.99 -13.57 -20.41
CA TYR B 127 -13.24 -12.19 -19.98
C TYR B 127 -14.67 -11.80 -20.34
N ARG B 128 -15.30 -11.03 -19.45
CA ARG B 128 -16.64 -10.52 -19.67
C ARG B 128 -16.74 -9.08 -19.16
N TRP B 129 -17.63 -8.33 -19.81
CA TRP B 129 -17.99 -6.99 -19.40
C TRP B 129 -19.35 -7.14 -18.72
N LEU B 130 -19.39 -6.91 -17.41
CA LEU B 130 -20.57 -7.18 -16.60
C LEU B 130 -21.17 -5.94 -15.99
N THR B 131 -22.49 -5.93 -15.87
CA THR B 131 -23.16 -4.81 -15.20
C THR B 131 -22.95 -4.98 -13.70
N PRO B 132 -22.96 -3.88 -12.94
CA PRO B 132 -22.91 -4.04 -11.49
C PRO B 132 -23.95 -5.02 -10.94
N ASP B 133 -25.19 -5.00 -11.42
CA ASP B 133 -26.19 -5.94 -10.94
C ASP B 133 -25.82 -7.41 -11.17
N ALA B 134 -25.32 -7.73 -12.36
CA ALA B 134 -24.96 -9.11 -12.69
C ALA B 134 -23.77 -9.57 -11.86
N LEU B 135 -22.78 -8.71 -11.69
CA LEU B 135 -21.59 -9.13 -10.96
C LEU B 135 -21.89 -9.27 -9.47
N LEU B 136 -22.76 -8.41 -8.93
CA LEU B 136 -23.16 -8.51 -7.54
C LEU B 136 -24.01 -9.75 -7.25
N ALA B 137 -24.72 -10.25 -8.26
CA ALA B 137 -25.60 -11.42 -8.11
C ALA B 137 -24.93 -12.77 -8.32
N SER B 138 -23.62 -12.79 -8.53
CA SER B 138 -22.92 -14.04 -8.79
C SER B 138 -21.84 -14.33 -7.75
N GLU B 139 -21.95 -15.49 -7.10
CA GLU B 139 -20.94 -15.95 -6.15
C GLU B 139 -19.67 -16.38 -6.87
N ASN B 140 -19.72 -16.48 -8.20
CA ASN B 140 -18.52 -16.77 -8.96
C ASN B 140 -17.63 -15.54 -9.16
N VAL B 141 -18.14 -14.37 -8.83
CA VAL B 141 -17.33 -13.15 -8.80
C VAL B 141 -16.81 -13.07 -7.37
N HIS B 142 -15.50 -12.96 -7.18
CA HIS B 142 -14.98 -12.96 -5.83
C HIS B 142 -15.47 -11.75 -5.04
N ALA B 143 -15.73 -11.96 -3.75
CA ALA B 143 -16.19 -10.91 -2.85
C ALA B 143 -15.30 -9.67 -2.92
N ASN B 144 -13.99 -9.84 -3.08
CA ASN B 144 -13.07 -8.71 -3.13
C ASN B 144 -13.23 -7.87 -4.38
N SER B 145 -13.83 -8.42 -5.43
CA SER B 145 -14.20 -7.64 -6.62
C SER B 145 -15.63 -7.11 -6.50
N ARG B 146 -16.54 -7.90 -5.95
CA ARG B 146 -17.91 -7.44 -5.77
C ARG B 146 -18.01 -6.15 -4.96
N VAL B 147 -17.18 -6.03 -3.92
CA VAL B 147 -17.25 -4.86 -3.05
C VAL B 147 -16.94 -3.53 -3.73
N TYR B 148 -16.24 -3.55 -4.86
CA TYR B 148 -15.98 -2.32 -5.60
C TYR B 148 -17.27 -1.70 -6.14
N PHE B 149 -18.30 -2.53 -6.28
CA PHE B 149 -19.58 -2.11 -6.86
C PHE B 149 -20.73 -2.01 -5.87
N ASN B 150 -20.46 -2.30 -4.59
CA ASN B 150 -21.43 -2.19 -3.51
C ASN B 150 -22.02 -0.80 -3.42
#